data_5X9J
#
_entry.id   5X9J
#
_cell.length_a   157.064
_cell.length_b   157.064
_cell.length_c   49.716
_cell.angle_alpha   90.00
_cell.angle_beta   90.00
_cell.angle_gamma   120.00
#
_symmetry.space_group_name_H-M   'P 65'
#
loop_
_entity.id
_entity.type
_entity.pdbx_description
1 polymer PrhC
2 water water
#
_entity_poly.entity_id   1
_entity_poly.type   'polypeptide(L)'
_entity_poly.pdbx_seq_one_letter_code
;MGSSHHHHHHSSGLVPRGSHMASNSTREKLIALAHKFCSIISSGDMEAVLALRTESCLTYQCCPSFSTRPLNNQETREYF
EEWKHIGWNSKFWIIDEGTMVVDEAAKKIAFRAACSADTIGGPYENENLVILQATDDCALVDGIWEFFDAVRKQDLMNRL
AAKQAAKGLDSWCANTHSGDDKGVPANNESKVAA
;
_entity_poly.pdbx_strand_id   A,B
#
# COMPACT_ATOMS: atom_id res chain seq x y z
N SER A 25 -20.03 4.30 18.56
CA SER A 25 -19.21 3.09 18.57
C SER A 25 -17.77 3.41 18.12
N THR A 26 -16.82 2.66 18.67
CA THR A 26 -15.43 2.81 18.30
C THR A 26 -15.27 2.74 16.78
N ARG A 27 -16.02 1.84 16.13
CA ARG A 27 -15.91 1.67 14.69
C ARG A 27 -16.21 2.97 13.95
N GLU A 28 -17.34 3.61 14.25
CA GLU A 28 -17.67 4.84 13.53
C GLU A 28 -16.70 5.96 13.87
N LYS A 29 -16.18 5.99 15.10
CA LYS A 29 -15.20 7.01 15.45
C LYS A 29 -13.89 6.84 14.68
N LEU A 30 -13.50 5.60 14.41
CA LEU A 30 -12.29 5.35 13.62
C LEU A 30 -12.49 5.78 12.18
N ILE A 31 -13.62 5.40 11.58
CA ILE A 31 -13.90 5.80 10.21
C ILE A 31 -14.03 7.31 10.12
N ALA A 32 -14.65 7.92 11.15
CA ALA A 32 -14.74 9.38 11.19
C ALA A 32 -13.35 10.02 11.23
N LEU A 33 -12.45 9.47 12.05
CA LEU A 33 -11.08 9.97 12.06
C LEU A 33 -10.44 9.87 10.68
N ALA A 34 -10.69 8.78 9.96
CA ALA A 34 -10.13 8.66 8.62
C ALA A 34 -10.66 9.75 7.70
N HIS A 35 -11.97 10.03 7.78
CA HIS A 35 -12.54 11.08 6.94
C HIS A 35 -11.98 12.44 7.30
N LYS A 36 -11.87 12.73 8.59
CA LYS A 36 -11.32 14.01 9.05
C LYS A 36 -9.86 14.16 8.64
N PHE A 37 -9.08 13.08 8.76
CA PHE A 37 -7.69 13.08 8.30
C PHE A 37 -7.61 13.55 6.85
N CYS A 38 -8.41 12.95 5.97
CA CYS A 38 -8.38 13.35 4.56
C CYS A 38 -8.88 14.79 4.37
N SER A 39 -9.96 15.17 5.06
CA SER A 39 -10.48 16.54 4.93
C SER A 39 -9.42 17.56 5.30
N ILE A 40 -8.76 17.33 6.43
CA ILE A 40 -7.78 18.29 6.93
C ILE A 40 -6.56 18.35 6.02
N ILE A 41 -6.09 17.21 5.54
CA ILE A 41 -5.04 17.19 4.52
C ILE A 41 -5.45 18.01 3.31
N SER A 42 -6.66 17.79 2.80
CA SER A 42 -7.11 18.50 1.60
C SER A 42 -7.19 20.00 1.83
N SER A 43 -7.46 20.44 3.06
CA SER A 43 -7.62 21.87 3.31
C SER A 43 -6.28 22.62 3.28
N GLY A 44 -5.15 21.91 3.37
CA GLY A 44 -3.85 22.53 3.39
C GLY A 44 -3.52 23.30 4.65
N ASP A 45 -4.41 23.29 5.63
CA ASP A 45 -4.22 24.01 6.89
C ASP A 45 -3.24 23.23 7.77
N MET A 46 -1.99 23.70 7.80
CA MET A 46 -0.94 23.00 8.53
C MET A 46 -1.25 22.92 10.03
N GLU A 47 -1.79 24.01 10.59
CA GLU A 47 -2.11 24.01 12.02
C GLU A 47 -3.14 22.92 12.34
N ALA A 48 -4.17 22.79 11.50
CA ALA A 48 -5.17 21.75 11.72
C ALA A 48 -4.57 20.36 11.52
N VAL A 49 -3.64 20.21 10.58
CA VAL A 49 -2.96 18.92 10.38
C VAL A 49 -2.26 18.51 11.67
N LEU A 50 -1.46 19.42 12.22
CA LEU A 50 -0.74 19.12 13.46
C LEU A 50 -1.67 18.94 14.64
N ALA A 51 -2.79 19.67 14.69
CA ALA A 51 -3.72 19.54 15.81
C ALA A 51 -4.31 18.14 15.88
N LEU A 52 -4.37 17.43 14.75
CA LEU A 52 -4.96 16.10 14.71
C LEU A 52 -4.03 15.02 15.25
N ARG A 53 -2.75 15.33 15.40
CA ARG A 53 -1.73 14.38 15.81
C ARG A 53 -1.35 14.55 17.27
N THR A 54 -1.03 13.44 17.92
CA THR A 54 -0.34 13.49 19.19
C THR A 54 1.02 14.13 19.01
N GLU A 55 1.61 14.56 20.13
CA GLU A 55 2.92 15.20 20.06
C GLU A 55 3.99 14.24 19.56
N SER A 56 3.85 12.96 19.87
CA SER A 56 4.84 11.95 19.49
C SER A 56 4.52 11.25 18.17
N CYS A 57 3.56 11.75 17.40
CA CYS A 57 3.11 11.05 16.21
C CYS A 57 4.22 10.96 15.17
N LEU A 58 4.39 9.76 14.60
CA LEU A 58 5.35 9.52 13.54
C LEU A 58 4.63 9.11 12.27
N THR A 59 5.17 9.56 11.14
CA THR A 59 4.68 9.23 9.81
C THR A 59 5.69 8.31 9.14
N TYR A 60 5.24 7.13 8.70
CA TYR A 60 6.09 6.16 8.02
C TYR A 60 5.64 6.06 6.57
N GLN A 61 6.50 6.49 5.65
CA GLN A 61 6.29 6.17 4.24
C GLN A 61 6.84 4.77 3.99
N CYS A 62 6.08 3.95 3.26
CA CYS A 62 6.38 2.53 3.23
C CYS A 62 6.82 2.02 1.87
N CYS A 63 7.17 2.90 0.95
CA CYS A 63 7.72 2.48 -0.33
C CYS A 63 9.23 2.55 -0.27
N PRO A 64 9.94 1.40 -0.28
CA PRO A 64 11.40 1.44 -0.09
C PRO A 64 12.16 2.16 -1.20
N SER A 65 11.54 2.39 -2.35
CA SER A 65 12.17 3.22 -3.39
C SER A 65 12.35 4.67 -2.95
N PHE A 66 11.71 5.08 -1.86
CA PHE A 66 11.82 6.42 -1.33
C PHE A 66 12.23 6.31 0.13
N SER A 67 12.54 7.44 0.74
CA SER A 67 12.95 7.42 2.13
C SER A 67 11.83 6.82 2.98
N THR A 68 12.21 5.92 3.89
CA THR A 68 11.29 5.28 4.81
C THR A 68 11.56 5.67 6.25
N ARG A 69 12.44 6.64 6.46
CA ARG A 69 12.71 7.15 7.79
C ARG A 69 11.46 7.79 8.37
N PRO A 70 11.06 7.44 9.59
CA PRO A 70 9.88 8.06 10.20
C PRO A 70 10.06 9.57 10.37
N LEU A 71 8.98 10.32 10.13
CA LEU A 71 8.98 11.77 10.30
C LEU A 71 8.13 12.16 11.50
N ASN A 72 8.64 13.07 12.31
CA ASN A 72 7.84 13.57 13.43
C ASN A 72 6.99 14.74 12.95
N ASN A 73 6.26 15.36 13.88
CA ASN A 73 5.31 16.41 13.52
C ASN A 73 5.99 17.59 12.84
N GLN A 74 7.14 18.03 13.36
CA GLN A 74 7.82 19.18 12.78
C GLN A 74 8.39 18.84 11.40
N GLU A 75 8.93 17.63 11.24
CA GLU A 75 9.42 17.25 9.92
C GLU A 75 8.27 17.12 8.92
N THR A 76 7.16 16.54 9.35
CA THR A 76 5.99 16.45 8.47
C THR A 76 5.53 17.82 8.03
N ARG A 77 5.55 18.80 8.95
CA ARG A 77 5.17 20.16 8.57
C ARG A 77 6.07 20.69 7.47
N GLU A 78 7.39 20.59 7.66
CA GLU A 78 8.32 21.07 6.64
C GLU A 78 8.10 20.36 5.31
N TYR A 79 7.89 19.04 5.36
CA TYR A 79 7.62 18.28 4.15
C TYR A 79 6.39 18.83 3.42
N PHE A 80 5.29 19.06 4.13
CA PHE A 80 4.10 19.58 3.49
C PHE A 80 4.33 20.99 2.95
N GLU A 81 5.13 21.81 3.64
CA GLU A 81 5.45 23.12 3.10
C GLU A 81 6.19 23.01 1.77
N GLU A 82 7.10 22.02 1.65
CA GLU A 82 7.78 21.84 0.37
C GLU A 82 6.79 21.48 -0.73
N TRP A 83 5.78 20.67 -0.41
CA TRP A 83 4.75 20.37 -1.39
C TRP A 83 4.03 21.64 -1.85
N LYS A 84 3.70 22.52 -0.89
CA LYS A 84 2.98 23.75 -1.23
C LYS A 84 3.78 24.66 -2.14
N HIS A 85 5.12 24.59 -2.08
CA HIS A 85 5.94 25.45 -2.93
C HIS A 85 5.91 25.03 -4.38
N ILE A 86 5.55 23.79 -4.70
CA ILE A 86 5.51 23.34 -6.08
C ILE A 86 4.11 22.96 -6.53
N GLY A 87 3.15 22.86 -5.62
CA GLY A 87 1.83 22.39 -5.97
C GLY A 87 0.74 23.19 -5.30
N TRP A 88 -0.46 23.02 -5.82
CA TRP A 88 -1.64 23.73 -5.33
C TRP A 88 -2.84 22.90 -5.71
N ASN A 89 -4.01 23.27 -5.16
CA ASN A 89 -5.25 22.55 -5.43
C ASN A 89 -5.10 21.07 -5.03
N SER A 90 -4.42 20.84 -3.91
CA SER A 90 -4.16 19.49 -3.44
C SER A 90 -5.41 18.91 -2.79
N LYS A 91 -5.81 17.72 -3.23
CA LYS A 91 -6.95 17.01 -2.68
C LYS A 91 -6.52 15.61 -2.26
N PHE A 92 -7.13 15.10 -1.19
CA PHE A 92 -6.82 13.80 -0.64
C PHE A 92 -8.13 13.23 -0.13
N TRP A 93 -8.56 12.08 -0.66
CA TRP A 93 -9.91 11.64 -0.36
C TRP A 93 -9.97 10.11 -0.29
N ILE A 94 -10.90 9.62 0.52
CA ILE A 94 -11.10 8.18 0.66
C ILE A 94 -11.76 7.62 -0.60
N ILE A 95 -11.26 6.47 -1.07
CA ILE A 95 -11.87 5.76 -2.18
C ILE A 95 -12.13 4.33 -1.75
N ASP A 96 -12.99 3.65 -2.52
CA ASP A 96 -13.26 2.21 -2.35
C ASP A 96 -13.58 1.92 -0.88
N GLU A 97 -14.61 2.61 -0.42
CA GLU A 97 -14.96 2.66 0.99
C GLU A 97 -15.18 1.28 1.58
N GLY A 98 -15.73 0.35 0.79
CA GLY A 98 -16.00 -0.98 1.31
C GLY A 98 -14.76 -1.80 1.65
N THR A 99 -13.59 -1.38 1.17
CA THR A 99 -12.36 -2.14 1.41
C THR A 99 -11.66 -1.76 2.71
N MET A 100 -12.10 -0.70 3.40
CA MET A 100 -11.52 -0.29 4.68
C MET A 100 -11.44 -1.45 5.66
N VAL A 101 -10.40 -1.41 6.49
CA VAL A 101 -10.19 -2.40 7.56
C VAL A 101 -10.17 -1.64 8.86
N VAL A 102 -11.12 -1.94 9.75
CA VAL A 102 -11.30 -1.19 10.99
C VAL A 102 -11.06 -2.12 12.17
N ASP A 103 -10.04 -1.82 12.96
CA ASP A 103 -9.61 -2.65 14.09
C ASP A 103 -9.99 -1.94 15.38
N GLU A 104 -11.18 -2.27 15.89
CA GLU A 104 -11.72 -1.57 17.06
C GLU A 104 -10.86 -1.81 18.30
N ALA A 105 -10.42 -3.05 18.52
CA ALA A 105 -9.64 -3.37 19.72
C ALA A 105 -8.31 -2.63 19.75
N ALA A 106 -7.59 -2.60 18.61
CA ALA A 106 -6.29 -1.96 18.56
C ALA A 106 -6.36 -0.47 18.23
N LYS A 107 -7.55 0.04 17.91
CA LYS A 107 -7.74 1.46 17.53
C LYS A 107 -6.95 1.82 16.28
N LYS A 108 -7.02 0.97 15.26
CA LYS A 108 -6.35 1.19 13.99
C LYS A 108 -7.37 1.11 12.85
N ILE A 109 -7.07 1.81 11.76
CA ILE A 109 -7.88 1.72 10.55
C ILE A 109 -6.97 1.80 9.35
N ALA A 110 -7.22 0.94 8.36
CA ALA A 110 -6.53 0.99 7.08
C ALA A 110 -7.56 1.31 6.00
N PHE A 111 -7.23 2.25 5.12
CA PHE A 111 -8.19 2.64 4.09
C PHE A 111 -7.45 3.04 2.83
N ARG A 112 -8.12 2.83 1.70
CA ARG A 112 -7.63 3.32 0.42
C ARG A 112 -8.02 4.78 0.23
N ALA A 113 -7.12 5.53 -0.39
CA ALA A 113 -7.29 6.94 -0.62
C ALA A 113 -6.70 7.26 -1.99
N ALA A 114 -7.10 8.42 -2.51
CA ALA A 114 -6.54 8.95 -3.74
C ALA A 114 -6.18 10.40 -3.49
N CYS A 115 -5.30 10.94 -4.32
CA CYS A 115 -4.94 12.33 -4.16
C CYS A 115 -4.62 12.91 -5.53
N SER A 116 -4.67 14.23 -5.60
CA SER A 116 -4.39 14.94 -6.82
C SER A 116 -3.90 16.32 -6.47
N ALA A 117 -3.18 16.92 -7.40
CA ALA A 117 -2.69 18.29 -7.22
C ALA A 117 -2.31 18.80 -8.59
N ASP A 118 -2.34 20.12 -8.72
CA ASP A 118 -1.66 20.75 -9.83
C ASP A 118 -0.28 21.16 -9.36
N THR A 119 0.71 21.10 -10.26
CA THR A 119 2.05 21.43 -9.85
C THR A 119 2.78 22.18 -10.95
N ILE A 120 3.93 22.72 -10.57
CA ILE A 120 4.87 23.30 -11.51
C ILE A 120 5.19 22.33 -12.64
N GLY A 121 5.22 21.03 -12.32
CA GLY A 121 5.50 20.01 -13.31
C GLY A 121 4.31 19.45 -14.04
N GLY A 122 3.12 20.02 -13.86
CA GLY A 122 1.94 19.46 -14.46
C GLY A 122 1.11 18.71 -13.43
N PRO A 123 -0.01 18.15 -13.86
CA PRO A 123 -0.93 17.55 -12.89
C PRO A 123 -0.34 16.29 -12.27
N TYR A 124 -0.78 16.02 -11.06
CA TYR A 124 -0.32 14.89 -10.28
C TYR A 124 -1.53 14.13 -9.77
N GLU A 125 -1.53 12.81 -9.95
CA GLU A 125 -2.54 11.94 -9.38
C GLU A 125 -1.85 10.73 -8.80
N ASN A 126 -2.23 10.35 -7.59
CA ASN A 126 -1.70 9.16 -6.97
C ASN A 126 -2.83 8.46 -6.24
N GLU A 127 -2.57 7.20 -5.87
CA GLU A 127 -3.48 6.41 -5.07
C GLU A 127 -2.69 5.76 -3.95
N ASN A 128 -3.35 5.58 -2.81
CA ASN A 128 -2.67 5.40 -1.57
C ASN A 128 -3.40 4.36 -0.73
N LEU A 129 -2.65 3.77 0.20
CA LEU A 129 -3.22 3.05 1.32
C LEU A 129 -2.65 3.67 2.58
N VAL A 130 -3.53 4.06 3.49
CA VAL A 130 -3.15 4.72 4.74
C VAL A 130 -3.57 3.84 5.90
N ILE A 131 -2.69 3.67 6.87
CA ILE A 131 -3.02 3.08 8.16
C ILE A 131 -2.86 4.16 9.21
N LEU A 132 -3.88 4.32 10.05
CA LEU A 132 -3.83 5.24 11.17
C LEU A 132 -3.86 4.44 12.46
N GLN A 133 -2.97 4.76 13.37
CA GLN A 133 -3.07 4.34 14.76
C GLN A 133 -3.69 5.49 15.53
N ALA A 134 -4.87 5.27 16.09
CA ALA A 134 -5.55 6.31 16.84
C ALA A 134 -5.23 6.19 18.33
N THR A 135 -5.44 7.29 19.05
CA THR A 135 -5.46 7.25 20.51
C THR A 135 -6.67 6.44 20.98
N ASP A 136 -6.70 6.14 22.29
CA ASP A 136 -7.72 5.24 22.81
C ASP A 136 -9.12 5.81 22.68
N ASP A 137 -9.27 7.13 22.80
CA ASP A 137 -10.58 7.75 22.57
C ASP A 137 -10.87 8.03 21.10
N CYS A 138 -9.98 7.64 20.18
CA CYS A 138 -10.13 7.79 18.73
C CYS A 138 -10.17 9.25 18.29
N ALA A 139 -9.65 10.16 19.11
CA ALA A 139 -9.70 11.59 18.79
C ALA A 139 -8.46 12.07 18.05
N LEU A 140 -7.32 11.42 18.26
CA LEU A 140 -6.07 11.90 17.70
C LEU A 140 -5.39 10.76 16.94
N VAL A 141 -4.50 11.15 16.04
CA VAL A 141 -3.68 10.21 15.28
C VAL A 141 -2.34 10.10 16.00
N ASP A 142 -1.95 8.88 16.35
CA ASP A 142 -0.69 8.64 17.03
C ASP A 142 0.36 7.95 16.14
N GLY A 143 -0.04 7.45 14.97
CA GLY A 143 0.91 6.95 13.99
C GLY A 143 0.25 6.86 12.64
N ILE A 144 1.03 7.11 11.59
CA ILE A 144 0.55 7.09 10.21
C ILE A 144 1.51 6.25 9.39
N TRP A 145 0.97 5.30 8.63
CA TRP A 145 1.72 4.56 7.63
C TRP A 145 1.07 4.82 6.28
N GLU A 146 1.87 5.10 5.27
CA GLU A 146 1.33 5.39 3.96
C GLU A 146 2.05 4.62 2.87
N PHE A 147 1.27 4.00 1.99
CA PHE A 147 1.74 3.44 0.72
C PHE A 147 1.17 4.28 -0.41
N PHE A 148 1.95 4.47 -1.46
CA PHE A 148 1.50 5.24 -2.61
C PHE A 148 2.10 4.58 -3.84
N ASP A 149 1.68 5.02 -5.02
CA ASP A 149 2.28 4.53 -6.25
C ASP A 149 3.60 5.27 -6.46
N ALA A 150 4.70 4.53 -6.27
CA ALA A 150 6.02 5.17 -6.34
C ALA A 150 6.39 5.58 -7.76
N VAL A 151 5.83 4.93 -8.78
CA VAL A 151 6.08 5.37 -10.15
C VAL A 151 5.41 6.71 -10.42
N ARG A 152 4.18 6.89 -9.95
CA ARG A 152 3.52 8.20 -10.09
C ARG A 152 4.34 9.29 -9.42
N LYS A 153 4.85 9.01 -8.22
CA LYS A 153 5.64 9.99 -7.51
C LYS A 153 6.99 10.23 -8.18
N GLN A 154 7.68 9.17 -8.61
CA GLN A 154 8.95 9.39 -9.29
C GLN A 154 8.76 10.17 -10.59
N ASP A 155 7.69 9.89 -11.34
CA ASP A 155 7.43 10.64 -12.56
C ASP A 155 7.20 12.12 -12.27
N LEU A 156 6.52 12.43 -11.16
CA LEU A 156 6.36 13.82 -10.77
C LEU A 156 7.71 14.45 -10.43
N MET A 157 8.55 13.74 -9.68
CA MET A 157 9.87 14.26 -9.35
C MET A 157 10.68 14.52 -10.61
N ASN A 158 10.58 13.63 -11.60
CA ASN A 158 11.29 13.85 -12.86
C ASN A 158 10.78 15.11 -13.55
N ARG A 159 9.46 15.30 -13.58
CA ARG A 159 8.88 16.50 -14.21
C ARG A 159 9.26 17.77 -13.44
N LEU A 160 9.29 17.69 -12.12
CA LEU A 160 9.76 18.84 -11.33
C LEU A 160 11.23 19.13 -11.61
N ALA A 161 12.05 18.08 -11.66
CA ALA A 161 13.49 18.27 -11.90
C ALA A 161 13.74 18.90 -13.27
N ALA A 162 12.89 18.61 -14.26
CA ALA A 162 12.99 19.23 -15.57
C ALA A 162 12.62 20.71 -15.54
N LYS A 163 11.97 21.17 -14.49
CA LYS A 163 11.69 22.59 -14.28
C LYS A 163 12.57 23.17 -13.16
N GLN A 164 13.60 22.44 -12.73
CA GLN A 164 14.49 22.87 -11.66
C GLN A 164 13.74 23.12 -10.35
N ALA A 165 12.64 22.41 -10.14
CA ALA A 165 11.79 22.63 -8.97
C ALA A 165 11.77 21.45 -8.02
N ALA A 166 12.71 20.50 -8.14
CA ALA A 166 12.66 19.25 -7.41
C ALA A 166 13.51 19.21 -6.14
N LYS A 167 14.40 20.20 -5.94
CA LYS A 167 15.37 20.10 -4.85
C LYS A 167 14.69 20.01 -3.48
N GLY A 168 13.63 20.79 -3.26
CA GLY A 168 12.97 20.76 -1.97
C GLY A 168 12.39 19.40 -1.64
N LEU A 169 11.59 18.84 -2.55
CA LEU A 169 10.98 17.54 -2.29
C LEU A 169 12.03 16.43 -2.26
N ASP A 170 13.01 16.50 -3.16
CA ASP A 170 14.02 15.45 -3.22
C ASP A 170 14.76 15.31 -1.88
N SER A 171 14.97 16.42 -1.19
CA SER A 171 15.68 16.39 0.10
C SER A 171 14.90 15.60 1.14
N TRP A 172 13.58 15.49 1.00
CA TRP A 172 12.77 14.65 1.90
C TRP A 172 12.52 13.25 1.36
N CYS A 173 12.43 13.10 0.03
CA CYS A 173 11.95 11.87 -0.60
C CYS A 173 13.07 10.90 -0.98
N ALA A 174 14.22 11.41 -1.40
CA ALA A 174 15.22 10.57 -2.04
C ALA A 174 15.87 9.61 -1.04
N ASN A 175 16.25 8.44 -1.56
CA ASN A 175 16.97 7.34 -0.87
C ASN A 175 16.04 6.43 -0.06
N ASN B 24 -9.78 -20.25 20.02
CA ASN B 24 -9.40 -19.42 18.86
C ASN B 24 -10.39 -18.30 18.57
N SER B 25 -10.05 -17.08 18.97
CA SER B 25 -10.86 -15.92 18.63
C SER B 25 -10.86 -15.67 17.12
N THR B 26 -11.80 -14.85 16.68
CA THR B 26 -11.80 -14.40 15.29
C THR B 26 -10.51 -13.68 14.95
N ARG B 27 -9.98 -12.86 15.87
CA ARG B 27 -8.74 -12.16 15.59
C ARG B 27 -7.60 -13.13 15.31
N GLU B 28 -7.50 -14.20 16.11
CA GLU B 28 -6.42 -15.17 15.92
C GLU B 28 -6.58 -15.91 14.59
N LYS B 29 -7.82 -16.30 14.25
CA LYS B 29 -8.05 -16.97 12.97
C LYS B 29 -7.65 -16.08 11.80
N LEU B 30 -7.93 -14.79 11.89
CA LEU B 30 -7.58 -13.89 10.80
C LEU B 30 -6.07 -13.75 10.69
N ILE B 31 -5.39 -13.61 11.83
CA ILE B 31 -3.93 -13.54 11.81
C ILE B 31 -3.33 -14.83 11.25
N ALA B 32 -3.86 -15.98 11.68
CA ALA B 32 -3.40 -17.25 11.16
C ALA B 32 -3.63 -17.35 9.66
N LEU B 33 -4.77 -16.85 9.19
CA LEU B 33 -5.05 -16.89 7.76
C LEU B 33 -4.02 -16.06 6.97
N ALA B 34 -3.63 -14.91 7.51
CA ALA B 34 -2.65 -14.07 6.82
C ALA B 34 -1.29 -14.75 6.74
N HIS B 35 -0.84 -15.33 7.84
CA HIS B 35 0.43 -16.07 7.80
C HIS B 35 0.34 -17.26 6.85
N LYS B 36 -0.79 -17.96 6.86
CA LYS B 36 -0.97 -19.10 5.97
C LYS B 36 -0.93 -18.67 4.51
N PHE B 37 -1.66 -17.60 4.19
CA PHE B 37 -1.59 -16.98 2.86
C PHE B 37 -0.14 -16.78 2.41
N CYS B 38 0.67 -16.17 3.29
CA CYS B 38 2.07 -15.89 2.92
C CYS B 38 2.89 -17.17 2.78
N SER B 39 2.76 -18.11 3.72
CA SER B 39 3.52 -19.36 3.65
C SER B 39 3.16 -20.16 2.42
N ILE B 40 1.87 -20.22 2.08
CA ILE B 40 1.44 -20.94 0.89
C ILE B 40 2.10 -20.35 -0.35
N ILE B 41 2.08 -19.02 -0.46
CA ILE B 41 2.74 -18.37 -1.59
C ILE B 41 4.24 -18.65 -1.58
N SER B 42 4.86 -18.57 -0.40
CA SER B 42 6.29 -18.85 -0.30
C SER B 42 6.63 -20.26 -0.74
N SER B 43 5.76 -21.21 -0.45
CA SER B 43 6.04 -22.60 -0.78
C SER B 43 6.00 -22.85 -2.27
N GLY B 44 5.39 -21.95 -3.05
CA GLY B 44 5.29 -22.13 -4.49
C GLY B 44 4.27 -23.15 -4.94
N ASP B 45 3.42 -23.66 -4.04
CA ASP B 45 2.48 -24.72 -4.36
C ASP B 45 1.20 -24.11 -4.94
N MET B 46 1.03 -24.24 -6.25
CA MET B 46 -0.10 -23.60 -6.93
C MET B 46 -1.44 -24.18 -6.48
N GLU B 47 -1.49 -25.49 -6.22
CA GLU B 47 -2.74 -26.10 -5.81
C GLU B 47 -3.15 -25.61 -4.42
N ALA B 48 -2.18 -25.47 -3.51
CA ALA B 48 -2.49 -24.91 -2.20
C ALA B 48 -2.94 -23.45 -2.30
N VAL B 49 -2.34 -22.68 -3.23
CA VAL B 49 -2.78 -21.30 -3.44
C VAL B 49 -4.27 -21.26 -3.75
N LEU B 50 -4.68 -22.01 -4.76
CA LEU B 50 -6.07 -21.99 -5.18
C LEU B 50 -7.00 -22.60 -4.14
N ALA B 51 -6.52 -23.61 -3.40
CA ALA B 51 -7.35 -24.22 -2.37
C ALA B 51 -7.63 -23.26 -1.21
N LEU B 52 -6.82 -22.23 -1.03
CA LEU B 52 -7.09 -21.24 0.01
C LEU B 52 -8.15 -20.21 -0.40
N ARG B 53 -8.49 -20.14 -1.68
CA ARG B 53 -9.40 -19.12 -2.17
C ARG B 53 -10.79 -19.69 -2.44
N THR B 54 -11.80 -18.86 -2.22
CA THR B 54 -13.11 -19.19 -2.75
C THR B 54 -13.06 -19.24 -4.27
N GLU B 55 -14.06 -19.90 -4.88
CA GLU B 55 -14.11 -19.98 -6.33
C GLU B 55 -14.24 -18.61 -6.97
N SER B 56 -14.91 -17.66 -6.31
CA SER B 56 -15.12 -16.34 -6.89
C SER B 56 -14.08 -15.32 -6.43
N CYS B 57 -12.99 -15.76 -5.78
CA CYS B 57 -12.01 -14.82 -5.26
C CYS B 57 -11.43 -13.95 -6.37
N LEU B 58 -11.29 -12.66 -6.09
CA LEU B 58 -10.64 -11.73 -7.02
C LEU B 58 -9.43 -11.10 -6.35
N THR B 59 -8.37 -10.90 -7.13
CA THR B 59 -7.16 -10.22 -6.69
C THR B 59 -7.10 -8.85 -7.37
N TYR B 60 -6.98 -7.80 -6.56
CA TYR B 60 -6.85 -6.43 -7.06
C TYR B 60 -5.43 -5.92 -6.78
N GLN B 61 -4.67 -5.66 -7.83
CA GLN B 61 -3.45 -4.90 -7.68
C GLN B 61 -3.81 -3.41 -7.67
N CYS B 62 -3.27 -2.67 -6.71
CA CYS B 62 -3.76 -1.32 -6.42
C CYS B 62 -2.77 -0.21 -6.75
N CYS B 63 -1.74 -0.48 -7.56
CA CYS B 63 -0.89 0.60 -8.03
C CYS B 63 -1.34 0.99 -9.43
N PRO B 64 -1.85 2.20 -9.63
CA PRO B 64 -2.40 2.56 -10.95
C PRO B 64 -1.36 2.65 -12.04
N SER B 65 -0.07 2.67 -11.71
CA SER B 65 0.95 2.59 -12.76
C SER B 65 0.94 1.24 -13.47
N PHE B 66 0.32 0.24 -12.87
CA PHE B 66 0.18 -1.09 -13.45
C PHE B 66 -1.29 -1.40 -13.60
N SER B 67 -1.58 -2.53 -14.24
CA SER B 67 -2.96 -2.93 -14.43
C SER B 67 -3.65 -3.08 -13.08
N THR B 68 -4.85 -2.53 -12.99
CA THR B 68 -5.67 -2.64 -11.79
C THR B 68 -6.93 -3.48 -12.06
N ARG B 69 -7.01 -4.11 -13.21
CA ARG B 69 -8.11 -5.02 -13.47
C ARG B 69 -8.04 -6.22 -12.54
N PRO B 70 -9.11 -6.57 -11.83
CA PRO B 70 -9.06 -7.72 -10.92
C PRO B 70 -8.86 -9.03 -11.68
N LEU B 71 -8.11 -9.94 -11.07
CA LEU B 71 -7.84 -11.24 -11.66
C LEU B 71 -8.59 -12.31 -10.90
N ASN B 72 -9.21 -13.24 -11.63
CA ASN B 72 -9.86 -14.37 -11.00
C ASN B 72 -8.84 -15.48 -10.74
N ASN B 73 -9.33 -16.62 -10.22
CA ASN B 73 -8.42 -17.69 -9.81
C ASN B 73 -7.65 -18.25 -11.00
N GLN B 74 -8.30 -18.42 -12.15
CA GLN B 74 -7.60 -18.93 -13.31
C GLN B 74 -6.55 -17.94 -13.82
N GLU B 75 -6.88 -16.65 -13.83
CA GLU B 75 -5.90 -15.66 -14.26
C GLU B 75 -4.74 -15.57 -13.29
N THR B 76 -5.02 -15.68 -11.98
CA THR B 76 -3.96 -15.71 -10.99
C THR B 76 -2.99 -16.86 -11.23
N ARG B 77 -3.51 -18.05 -11.55
CA ARG B 77 -2.63 -19.18 -11.83
C ARG B 77 -1.74 -18.89 -13.03
N GLU B 78 -2.33 -18.36 -14.11
CA GLU B 78 -1.52 -18.02 -15.29
C GLU B 78 -0.47 -16.99 -14.94
N TYR B 79 -0.84 -15.97 -14.15
CA TYR B 79 0.13 -14.95 -13.78
C TYR B 79 1.28 -15.54 -12.98
N PHE B 80 0.95 -16.43 -12.03
CA PHE B 80 2.00 -17.04 -11.22
C PHE B 80 2.93 -17.92 -12.06
N GLU B 81 2.40 -18.57 -13.10
CA GLU B 81 3.25 -19.34 -14.00
C GLU B 81 4.26 -18.44 -14.71
N GLU B 82 3.82 -17.27 -15.18
CA GLU B 82 4.76 -16.33 -15.80
C GLU B 82 5.84 -15.92 -14.82
N TRP B 83 5.47 -15.69 -13.57
CA TRP B 83 6.46 -15.41 -12.55
C TRP B 83 7.47 -16.54 -12.41
N LYS B 84 6.99 -17.79 -12.40
CA LYS B 84 7.90 -18.92 -12.20
C LYS B 84 8.85 -19.10 -13.38
N HIS B 85 8.45 -18.71 -14.59
CA HIS B 85 9.36 -18.79 -15.74
C HIS B 85 10.54 -17.84 -15.58
N ILE B 86 10.38 -16.72 -14.87
CA ILE B 86 11.45 -15.74 -14.79
C ILE B 86 12.08 -15.65 -13.43
N GLY B 87 11.51 -16.29 -12.40
CA GLY B 87 12.04 -16.17 -11.06
C GLY B 87 12.09 -17.51 -10.36
N TRP B 88 12.94 -17.58 -9.35
CA TRP B 88 13.09 -18.77 -8.52
C TRP B 88 13.48 -18.33 -7.13
N ASN B 89 13.40 -19.25 -6.18
CA ASN B 89 13.67 -18.96 -4.78
C ASN B 89 12.78 -17.81 -4.29
N SER B 90 11.49 -17.89 -4.65
CA SER B 90 10.51 -16.87 -4.30
C SER B 90 10.08 -17.02 -2.84
N LYS B 91 10.16 -15.92 -2.10
CA LYS B 91 9.78 -15.87 -0.69
C LYS B 91 8.82 -14.71 -0.47
N PHE B 92 7.86 -14.90 0.44
CA PHE B 92 6.85 -13.88 0.75
C PHE B 92 6.52 -14.04 2.23
N TRP B 93 6.68 -12.98 3.02
CA TRP B 93 6.52 -13.13 4.46
C TRP B 93 6.03 -11.83 5.07
N ILE B 94 5.28 -11.96 6.18
CA ILE B 94 4.77 -10.80 6.90
C ILE B 94 5.91 -10.11 7.65
N ILE B 95 5.95 -8.79 7.57
CA ILE B 95 6.89 -7.95 8.31
C ILE B 95 6.10 -7.01 9.21
N ASP B 96 6.82 -6.47 10.21
CA ASP B 96 6.32 -5.36 11.02
C ASP B 96 4.92 -5.66 11.56
N GLU B 97 4.83 -6.80 12.25
CA GLU B 97 3.55 -7.38 12.59
C GLU B 97 2.72 -6.51 13.51
N GLY B 98 3.36 -5.63 14.29
CA GLY B 98 2.63 -4.72 15.15
C GLY B 98 1.75 -3.73 14.40
N THR B 99 1.98 -3.53 13.10
CA THR B 99 1.17 -2.56 12.38
C THR B 99 -0.02 -3.20 11.68
N MET B 100 -0.17 -4.51 11.82
CA MET B 100 -1.28 -5.25 11.26
C MET B 100 -2.61 -4.69 11.72
N VAL B 101 -3.62 -4.71 10.85
CA VAL B 101 -4.94 -4.19 11.16
C VAL B 101 -5.94 -5.33 11.00
N VAL B 102 -6.61 -5.71 12.08
CA VAL B 102 -7.50 -6.87 12.08
C VAL B 102 -8.94 -6.42 12.34
N ASP B 103 -9.83 -6.70 11.39
CA ASP B 103 -11.24 -6.29 11.46
C ASP B 103 -12.09 -7.54 11.71
N GLU B 104 -12.35 -7.83 12.99
CA GLU B 104 -13.04 -9.06 13.36
C GLU B 104 -14.48 -9.07 12.86
N ALA B 105 -15.18 -7.94 12.97
CA ALA B 105 -16.56 -7.87 12.50
C ALA B 105 -16.66 -8.08 11.00
N ALA B 106 -15.77 -7.48 10.23
CA ALA B 106 -15.86 -7.59 8.78
C ALA B 106 -15.07 -8.77 8.22
N LYS B 107 -14.30 -9.47 9.06
CA LYS B 107 -13.47 -10.59 8.62
C LYS B 107 -12.44 -10.13 7.58
N LYS B 108 -11.80 -9.01 7.87
CA LYS B 108 -10.75 -8.45 7.01
C LYS B 108 -9.47 -8.28 7.81
N ILE B 109 -8.34 -8.35 7.11
CA ILE B 109 -7.07 -8.11 7.76
C ILE B 109 -6.13 -7.43 6.77
N ALA B 110 -5.43 -6.42 7.25
CA ALA B 110 -4.43 -5.73 6.45
C ALA B 110 -3.08 -5.94 7.10
N PHE B 111 -2.07 -6.31 6.31
CA PHE B 111 -0.76 -6.55 6.89
C PHE B 111 0.31 -6.13 5.90
N ARG B 112 1.46 -5.77 6.45
CA ARG B 112 2.65 -5.48 5.66
C ARG B 112 3.40 -6.77 5.38
N ALA B 113 3.94 -6.88 4.16
CA ALA B 113 4.66 -8.07 3.76
C ALA B 113 5.87 -7.65 2.93
N ALA B 114 6.84 -8.54 2.86
CA ALA B 114 7.99 -8.38 1.99
C ALA B 114 8.12 -9.62 1.13
N CYS B 115 8.77 -9.46 -0.02
CA CYS B 115 9.01 -10.58 -0.91
C CYS B 115 10.37 -10.42 -1.55
N SER B 116 10.91 -11.54 -2.02
CA SER B 116 12.20 -11.56 -2.68
C SER B 116 12.25 -12.76 -3.61
N ALA B 117 13.13 -12.66 -4.60
CA ALA B 117 13.33 -13.73 -5.58
C ALA B 117 14.62 -13.46 -6.33
N ASP B 118 15.25 -14.54 -6.78
CA ASP B 118 16.22 -14.45 -7.86
C ASP B 118 15.46 -14.50 -9.18
N THR B 119 15.89 -13.69 -10.14
CA THR B 119 15.20 -13.64 -11.42
C THR B 119 16.23 -13.56 -12.54
N ILE B 120 15.73 -13.76 -13.76
CA ILE B 120 16.53 -13.56 -14.97
C ILE B 120 17.22 -12.19 -14.95
N GLY B 121 16.52 -11.18 -14.46
CA GLY B 121 17.05 -9.84 -14.38
C GLY B 121 17.85 -9.53 -13.14
N GLY B 122 18.14 -10.50 -12.29
CA GLY B 122 18.88 -10.25 -11.08
C GLY B 122 17.99 -10.32 -9.85
N PRO B 123 18.58 -10.06 -8.69
CA PRO B 123 17.81 -10.14 -7.44
C PRO B 123 16.64 -9.16 -7.43
N TYR B 124 15.55 -9.59 -6.80
CA TYR B 124 14.33 -8.80 -6.72
C TYR B 124 13.91 -8.73 -5.27
N GLU B 125 13.59 -7.53 -4.79
CA GLU B 125 13.04 -7.35 -3.46
C GLU B 125 11.94 -6.32 -3.54
N ASN B 126 10.81 -6.61 -2.90
CA ASN B 126 9.72 -5.65 -2.84
C ASN B 126 9.09 -5.73 -1.47
N GLU B 127 8.28 -4.72 -1.16
CA GLU B 127 7.55 -4.63 0.09
C GLU B 127 6.11 -4.26 -0.25
N ASN B 128 5.18 -4.78 0.54
CA ASN B 128 3.79 -4.85 0.12
C ASN B 128 2.88 -4.48 1.28
N LEU B 129 1.66 -4.11 0.94
CA LEU B 129 0.55 -4.07 1.88
C LEU B 129 -0.54 -4.94 1.29
N VAL B 130 -1.00 -5.92 2.06
CA VAL B 130 -2.00 -6.88 1.59
C VAL B 130 -3.23 -6.71 2.44
N ILE B 131 -4.40 -6.66 1.81
CA ILE B 131 -5.67 -6.76 2.53
C ILE B 131 -6.33 -8.06 2.10
N LEU B 132 -6.76 -8.86 3.07
CA LEU B 132 -7.53 -10.06 2.77
C LEU B 132 -8.96 -9.90 3.27
N GLN B 133 -9.91 -10.30 2.43
CA GLN B 133 -11.28 -10.51 2.85
C GLN B 133 -11.45 -12.01 3.05
N ALA B 134 -11.73 -12.40 4.27
CA ALA B 134 -11.91 -13.82 4.57
C ALA B 134 -13.38 -14.19 4.47
N THR B 135 -13.62 -15.48 4.30
CA THR B 135 -14.98 -15.99 4.50
C THR B 135 -15.37 -15.88 5.97
N ASP B 136 -16.63 -16.20 6.24
CA ASP B 136 -17.16 -15.94 7.58
C ASP B 136 -16.51 -16.83 8.63
N ASP B 137 -16.18 -18.07 8.28
CA ASP B 137 -15.46 -18.92 9.23
C ASP B 137 -13.97 -18.67 9.23
N CYS B 138 -13.48 -17.71 8.44
CA CYS B 138 -12.07 -17.34 8.35
C CYS B 138 -11.20 -18.45 7.80
N ALA B 139 -11.78 -19.40 7.06
CA ALA B 139 -10.98 -20.49 6.53
C ALA B 139 -10.49 -20.24 5.11
N LEU B 140 -11.17 -19.37 4.36
CA LEU B 140 -10.81 -19.13 2.98
C LEU B 140 -10.66 -17.63 2.71
N VAL B 141 -9.97 -17.31 1.63
CA VAL B 141 -9.78 -15.94 1.20
C VAL B 141 -10.75 -15.67 0.05
N ASP B 142 -11.57 -14.63 0.19
CA ASP B 142 -12.56 -14.28 -0.83
C ASP B 142 -12.20 -13.01 -1.59
N GLY B 143 -11.24 -12.23 -1.11
CA GLY B 143 -10.77 -11.06 -1.80
C GLY B 143 -9.36 -10.70 -1.37
N ILE B 144 -8.55 -10.21 -2.32
CA ILE B 144 -7.16 -9.85 -2.08
C ILE B 144 -6.91 -8.49 -2.73
N TRP B 145 -6.39 -7.55 -1.95
CA TRP B 145 -5.91 -6.27 -2.46
C TRP B 145 -4.44 -6.19 -2.15
N GLU B 146 -3.63 -5.81 -3.13
CA GLU B 146 -2.19 -5.73 -2.92
C GLU B 146 -1.65 -4.37 -3.36
N PHE B 147 -0.86 -3.77 -2.48
CA PHE B 147 -0.02 -2.63 -2.80
C PHE B 147 1.43 -3.06 -2.77
N PHE B 148 2.22 -2.59 -3.72
CA PHE B 148 3.63 -2.93 -3.76
C PHE B 148 4.37 -1.68 -4.17
N ASP B 149 5.70 -1.73 -4.08
CA ASP B 149 6.50 -0.61 -4.56
C ASP B 149 6.58 -0.71 -6.08
N ALA B 150 5.94 0.23 -6.75
CA ALA B 150 5.84 0.16 -8.20
C ALA B 150 7.17 0.43 -8.88
N VAL B 151 8.07 1.15 -8.22
CA VAL B 151 9.37 1.41 -8.83
C VAL B 151 10.24 0.16 -8.78
N ARG B 152 10.21 -0.57 -7.65
CA ARG B 152 10.87 -1.87 -7.60
C ARG B 152 10.36 -2.77 -8.71
N LYS B 153 9.04 -2.82 -8.90
CA LYS B 153 8.50 -3.68 -9.94
C LYS B 153 8.86 -3.18 -11.32
N GLN B 154 8.77 -1.87 -11.56
CA GLN B 154 9.09 -1.36 -12.89
C GLN B 154 10.56 -1.58 -13.22
N ASP B 155 11.45 -1.44 -12.23
CA ASP B 155 12.87 -1.70 -12.46
C ASP B 155 13.10 -3.16 -12.82
N LEU B 156 12.40 -4.08 -12.16
CA LEU B 156 12.49 -5.49 -12.54
C LEU B 156 12.03 -5.69 -13.98
N MET B 157 10.88 -5.11 -14.34
CA MET B 157 10.37 -5.25 -15.70
C MET B 157 11.35 -4.68 -16.72
N ASN B 158 11.99 -3.57 -16.40
CA ASN B 158 12.99 -3.01 -17.30
C ASN B 158 14.18 -3.95 -17.46
N ARG B 159 14.66 -4.53 -16.34
CA ARG B 159 15.78 -5.46 -16.43
C ARG B 159 15.39 -6.71 -17.21
N LEU B 160 14.17 -7.22 -17.01
CA LEU B 160 13.70 -8.37 -17.76
C LEU B 160 13.59 -8.05 -19.24
N ALA B 161 13.09 -6.86 -19.57
CA ALA B 161 12.89 -6.52 -20.98
C ALA B 161 14.23 -6.41 -21.71
N ALA B 162 15.27 -5.91 -21.04
CA ALA B 162 16.59 -5.89 -21.65
C ALA B 162 17.11 -7.28 -21.96
N LYS B 163 16.57 -8.31 -21.32
CA LYS B 163 16.96 -9.70 -21.54
C LYS B 163 15.88 -10.48 -22.27
N GLN B 164 14.96 -9.78 -22.95
CA GLN B 164 13.90 -10.40 -23.75
C GLN B 164 12.98 -11.28 -22.91
N ALA B 165 12.87 -11.01 -21.62
CA ALA B 165 12.14 -11.91 -20.72
C ALA B 165 10.93 -11.24 -20.07
N ALA B 166 10.42 -10.14 -20.64
CA ALA B 166 9.37 -9.36 -19.98
C ALA B 166 7.97 -9.58 -20.56
N LYS B 167 7.83 -10.14 -21.75
CA LYS B 167 6.54 -10.10 -22.42
C LYS B 167 5.47 -10.88 -21.66
N GLY B 168 5.84 -11.98 -21.01
CA GLY B 168 4.86 -12.75 -20.25
C GLY B 168 4.28 -11.97 -19.09
N LEU B 169 5.13 -11.39 -18.25
CA LEU B 169 4.63 -10.59 -17.13
C LEU B 169 3.94 -9.32 -17.64
N ASP B 170 4.48 -8.73 -18.70
CA ASP B 170 3.91 -7.48 -19.23
C ASP B 170 2.47 -7.67 -19.68
N SER B 171 2.15 -8.82 -20.27
CA SER B 171 0.78 -9.05 -20.73
C SER B 171 -0.22 -9.05 -19.58
N TRP B 172 0.24 -9.29 -18.35
CA TRP B 172 -0.61 -9.16 -17.17
C TRP B 172 -0.45 -7.82 -16.46
N CYS B 173 0.75 -7.25 -16.44
CA CYS B 173 1.08 -6.09 -15.61
C CYS B 173 0.77 -4.76 -16.26
N ALA B 174 0.94 -4.64 -17.58
CA ALA B 174 0.89 -3.33 -18.24
C ALA B 174 -0.52 -2.77 -18.24
N ASN B 175 -0.59 -1.44 -18.35
CA ASN B 175 -1.87 -0.73 -18.45
C ASN B 175 -2.61 -1.05 -19.74
#